data_4ZDJ
#
_entry.id   4ZDJ
#
_cell.length_a   79.410
_cell.length_b   132.730
_cell.length_c   157.630
_cell.angle_alpha   90.00
_cell.angle_beta   90.00
_cell.angle_gamma   90.00
#
_symmetry.space_group_name_H-M   'I 2 2 2'
#
loop_
_entity.id
_entity.type
_entity.pdbx_description
1 polymer 'CTP synthase'
2 non-polymer "URIDINE 5'-TRIPHOSPHATE"
3 non-polymer 'MAGNESIUM ION'
4 non-polymer GLYCEROL
5 water water
#
_entity_poly.entity_id   1
_entity_poly.type   'polypeptide(L)'
_entity_poly.pdbx_seq_one_letter_code
;GMRKHPQTATKHLFVSGGVASSLGKGLTASSLGQLLTARGLHVTMQKLDPYLNVDPGTMNPFQHGEVFVTEDGAETDLDV
GHYERFLDRNLPGSANVTTGQVYSTVIAKERRGEYLGDTVQVIPHITDEIKRRILAMAQPDADGNRPDVVITEIGGTVGD
IESQPFLEAARQVRHYLGREDVFFLHVSLVPYLAPSGELKTKPTQHSVAALRSIGITPDALILRCDRDVPEALKNKIALM
CDVDIDGVISTPDAPSIYDIPKVLHREELDAFVVRRLNLPFRDVDWTEWDDLLRRVHEPHETVRIALVGKYVELSDAYLS
VAEALRAGGFKHRAKVEICWVASDGCETTSGAAAALGDVHGVLIPGGFGIRGIEGKIGAIAYARARGLPVLGLCLGLQCI
VIEAARSVGLTNANSAEFDPDTPDPVIATMPDQEEIVAGEADLGGTMRLGSYPAVLEPDSVVAQAYQTTQVSERHRHRYE
VNNAYRDKIAESGLRFSGTSPDGHLVEFVEYPPDRHPFVVGTQAHPELKSRPTRPHPLFVAFVGAAIDYKAGELLPVEIP
EIPEHTPNGSSHRDGVGQPLPEPASRG
;
_entity_poly.pdbx_strand_id   A
#
# COMPACT_ATOMS: atom_id res chain seq x y z
N PRO A 6 29.15 14.15 -11.14
CA PRO A 6 28.25 13.26 -11.88
C PRO A 6 27.71 12.12 -11.00
N GLN A 7 26.51 11.65 -11.34
CA GLN A 7 25.85 10.56 -10.63
C GLN A 7 26.50 9.22 -11.00
N THR A 8 26.84 8.40 -10.00
CA THR A 8 27.44 7.08 -10.25
C THR A 8 26.35 6.15 -10.83
N ALA A 9 26.73 4.92 -11.18
CA ALA A 9 25.82 3.92 -11.72
C ALA A 9 24.69 3.66 -10.72
N THR A 10 23.47 3.35 -11.23
CA THR A 10 22.36 2.99 -10.34
C THR A 10 22.76 1.71 -9.61
N LYS A 11 22.56 1.66 -8.30
CA LYS A 11 22.89 0.48 -7.49
C LYS A 11 21.68 -0.42 -7.36
N HIS A 12 21.91 -1.75 -7.28
CA HIS A 12 20.82 -2.69 -7.04
C HIS A 12 21.02 -3.36 -5.70
N LEU A 13 20.01 -3.28 -4.86
CA LEU A 13 20.06 -3.91 -3.55
C LEU A 13 18.92 -4.93 -3.50
N PHE A 14 19.28 -6.22 -3.44
CA PHE A 14 18.34 -7.34 -3.39
C PHE A 14 18.07 -7.75 -1.95
N VAL A 15 16.80 -7.96 -1.61
CA VAL A 15 16.41 -8.39 -0.27
C VAL A 15 15.80 -9.78 -0.39
N SER A 16 16.46 -10.77 0.20
CA SER A 16 16.00 -12.16 0.18
C SER A 16 15.66 -12.57 1.60
N GLY A 17 14.92 -13.65 1.71
CA GLY A 17 14.50 -14.17 3.00
C GLY A 17 14.85 -15.62 3.15
N GLY A 18 15.23 -16.00 4.36
CA GLY A 18 15.62 -17.36 4.71
C GLY A 18 14.88 -17.86 5.93
N VAL A 19 15.00 -19.18 6.19
CA VAL A 19 14.46 -19.92 7.33
C VAL A 19 12.93 -20.07 7.22
N ALA A 20 12.18 -18.95 7.20
CA ALA A 20 10.72 -18.96 7.12
C ALA A 20 10.19 -17.64 6.60
N SER A 21 8.93 -17.63 6.07
CA SER A 21 8.29 -16.38 5.63
C SER A 21 7.66 -15.69 6.85
N SER A 22 6.97 -14.55 6.63
CA SER A 22 6.31 -13.78 7.70
C SER A 22 7.30 -13.10 8.67
N LEU A 23 8.57 -12.94 8.27
CA LEU A 23 9.55 -12.28 9.13
C LEU A 23 9.54 -10.78 8.94
N GLY A 24 8.82 -10.28 7.96
CA GLY A 24 8.70 -8.85 7.71
C GLY A 24 9.78 -8.28 6.79
N LYS A 25 10.21 -9.07 5.79
CA LYS A 25 11.20 -8.60 4.80
C LYS A 25 10.81 -7.27 4.12
N GLY A 26 9.53 -7.15 3.75
CA GLY A 26 8.99 -6.00 3.04
C GLY A 26 9.09 -4.71 3.82
N LEU A 27 8.77 -4.77 5.11
CA LEU A 27 8.83 -3.61 6.00
C LEU A 27 10.27 -3.29 6.36
N THR A 28 11.17 -4.30 6.42
CA THR A 28 12.60 -4.05 6.64
C THR A 28 13.17 -3.32 5.43
N ALA A 29 12.84 -3.80 4.21
CA ALA A 29 13.26 -3.20 2.94
C ALA A 29 12.78 -1.76 2.81
N SER A 30 11.48 -1.51 3.15
CA SER A 30 10.85 -0.17 3.13
C SER A 30 11.55 0.75 4.08
N SER A 31 11.87 0.24 5.30
CA SER A 31 12.54 1.04 6.32
C SER A 31 13.96 1.42 5.88
N LEU A 32 14.64 0.49 5.18
CA LEU A 32 15.96 0.78 4.63
C LEU A 32 15.80 1.84 3.52
N GLY A 33 14.75 1.71 2.70
CA GLY A 33 14.43 2.71 1.66
C GLY A 33 14.19 4.08 2.25
N GLN A 34 13.52 4.14 3.42
CA GLN A 34 13.27 5.41 4.14
C GLN A 34 14.62 6.02 4.61
N LEU A 35 15.50 5.19 5.17
CA LEU A 35 16.79 5.66 5.69
C LEU A 35 17.66 6.21 4.59
N LEU A 36 17.69 5.53 3.45
CA LEU A 36 18.47 5.98 2.30
C LEU A 36 17.87 7.25 1.68
N THR A 37 16.53 7.35 1.65
CA THR A 37 15.85 8.55 1.16
C THR A 37 16.18 9.75 2.05
N ALA A 38 16.16 9.58 3.39
CA ALA A 38 16.46 10.60 4.39
C ALA A 38 17.96 11.05 4.32
N ARG A 39 18.82 10.27 3.63
CA ARG A 39 20.23 10.60 3.35
C ARG A 39 20.35 11.33 1.98
N GLY A 40 19.22 11.73 1.41
CA GLY A 40 19.14 12.45 0.15
C GLY A 40 19.31 11.60 -1.09
N LEU A 41 19.19 10.26 -0.98
CA LEU A 41 19.35 9.38 -2.14
C LEU A 41 18.02 9.19 -2.85
N HIS A 42 18.05 9.06 -4.18
CA HIS A 42 16.84 8.79 -4.97
C HIS A 42 16.69 7.26 -4.97
N VAL A 43 15.74 6.77 -4.18
CA VAL A 43 15.51 5.34 -4.02
C VAL A 43 14.20 4.94 -4.65
N THR A 44 14.21 3.83 -5.40
CA THR A 44 12.98 3.24 -5.92
C THR A 44 12.93 1.78 -5.43
N MET A 45 11.74 1.18 -5.41
CA MET A 45 11.59 -0.16 -4.87
C MET A 45 10.73 -1.04 -5.78
N GLN A 46 10.96 -2.35 -5.69
CA GLN A 46 10.30 -3.32 -6.54
C GLN A 46 10.11 -4.63 -5.78
N LYS A 47 8.96 -5.26 -6.00
CA LYS A 47 8.63 -6.53 -5.37
C LYS A 47 8.56 -7.62 -6.42
N LEU A 48 9.30 -8.71 -6.22
CA LEU A 48 9.18 -9.89 -7.09
C LEU A 48 8.32 -10.92 -6.35
N ASP A 49 7.13 -11.19 -6.88
CA ASP A 49 6.17 -12.12 -6.28
C ASP A 49 6.20 -13.44 -7.01
N PRO A 50 6.50 -14.55 -6.33
CA PRO A 50 6.60 -15.84 -7.01
C PRO A 50 5.23 -16.50 -7.34
N TYR A 51 4.12 -15.77 -7.15
CA TYR A 51 2.82 -16.36 -7.46
C TYR A 51 2.50 -16.22 -8.95
N LEU A 52 1.63 -17.09 -9.42
CA LEU A 52 1.26 -17.19 -10.83
C LEU A 52 0.14 -16.26 -11.24
N ASN A 53 -0.57 -15.65 -10.27
CA ASN A 53 -1.59 -14.63 -10.59
C ASN A 53 -0.90 -13.52 -11.37
N VAL A 54 -1.34 -13.23 -12.63
CA VAL A 54 -0.70 -12.21 -13.49
C VAL A 54 -0.75 -10.89 -12.74
N ASP A 55 -1.87 -10.60 -12.13
CA ASP A 55 -1.99 -9.45 -11.22
C ASP A 55 -2.82 -9.95 -10.00
N PRO A 56 -2.74 -9.30 -8.82
CA PRO A 56 -3.49 -9.82 -7.66
C PRO A 56 -5.01 -9.62 -7.71
N GLY A 57 -5.55 -9.14 -8.83
CA GLY A 57 -6.97 -8.91 -9.02
C GLY A 57 -7.87 -10.14 -8.92
N THR A 58 -7.31 -11.33 -9.14
CA THR A 58 -8.08 -12.57 -9.05
C THR A 58 -7.99 -13.16 -7.65
N MET A 59 -7.20 -12.55 -6.76
CA MET A 59 -7.08 -13.05 -5.41
C MET A 59 -8.19 -12.48 -4.56
N ASN A 60 -8.69 -13.26 -3.59
CA ASN A 60 -9.71 -12.77 -2.68
C ASN A 60 -8.99 -11.79 -1.72
N PRO A 61 -9.27 -10.46 -1.77
CA PRO A 61 -8.52 -9.53 -0.89
C PRO A 61 -8.78 -9.75 0.61
N PHE A 62 -9.91 -10.43 0.94
CA PHE A 62 -10.33 -10.72 2.30
C PHE A 62 -9.57 -11.91 2.88
N GLN A 63 -8.75 -12.59 2.06
CA GLN A 63 -7.84 -13.67 2.44
C GLN A 63 -6.40 -13.27 2.25
N HIS A 64 -6.11 -12.49 1.19
CA HIS A 64 -4.75 -12.19 0.78
C HIS A 64 -4.35 -10.74 0.88
N GLY A 65 -5.26 -9.86 1.27
CA GLY A 65 -4.91 -8.44 1.39
C GLY A 65 -5.29 -7.59 0.20
N GLU A 66 -5.28 -6.28 0.40
CA GLU A 66 -5.71 -5.34 -0.63
C GLU A 66 -4.89 -5.38 -1.91
N VAL A 67 -5.50 -4.88 -2.97
CA VAL A 67 -4.84 -4.63 -4.24
C VAL A 67 -4.42 -3.15 -4.19
N PHE A 68 -3.14 -2.87 -4.42
CA PHE A 68 -2.68 -1.47 -4.47
C PHE A 68 -2.76 -1.01 -5.95
N VAL A 69 -3.08 0.26 -6.20
CA VAL A 69 -3.15 0.76 -7.57
C VAL A 69 -2.15 1.89 -7.68
N THR A 70 -1.30 1.83 -8.71
CA THR A 70 -0.28 2.88 -8.95
C THR A 70 -0.86 4.00 -9.81
N GLU A 71 -0.10 5.11 -9.95
CA GLU A 71 -0.51 6.27 -10.76
C GLU A 71 -0.80 5.85 -12.21
N ASP A 72 0.02 4.92 -12.77
CA ASP A 72 -0.11 4.46 -14.17
C ASP A 72 -1.20 3.39 -14.33
N GLY A 73 -1.87 3.05 -13.23
CA GLY A 73 -3.01 2.14 -13.30
C GLY A 73 -2.76 0.67 -13.17
N ALA A 74 -1.58 0.25 -12.68
CA ALA A 74 -1.33 -1.17 -12.50
C ALA A 74 -1.93 -1.65 -11.17
N GLU A 75 -2.46 -2.85 -11.16
CA GLU A 75 -2.99 -3.48 -9.96
C GLU A 75 -1.85 -4.29 -9.41
N THR A 76 -1.40 -3.97 -8.19
CA THR A 76 -0.21 -4.62 -7.64
C THR A 76 -0.43 -5.17 -6.24
N ASP A 77 0.56 -5.94 -5.81
CA ASP A 77 0.66 -6.46 -4.45
C ASP A 77 0.65 -5.31 -3.47
N LEU A 78 0.07 -5.52 -2.28
CA LEU A 78 0.00 -4.45 -1.29
C LEU A 78 1.38 -3.93 -0.85
N ASP A 79 2.45 -4.70 -1.09
CA ASP A 79 3.80 -4.25 -0.72
C ASP A 79 4.23 -2.93 -1.35
N VAL A 80 3.74 -2.64 -2.57
CA VAL A 80 4.04 -1.40 -3.31
C VAL A 80 3.53 -0.19 -2.49
N GLY A 81 2.44 -0.41 -1.76
CA GLY A 81 1.85 0.58 -0.86
C GLY A 81 2.77 0.88 0.30
N HIS A 82 3.39 -0.16 0.86
CA HIS A 82 4.40 0.03 1.92
C HIS A 82 5.57 0.81 1.38
N TYR A 83 6.02 0.51 0.15
CA TYR A 83 7.16 1.20 -0.48
C TYR A 83 6.82 2.66 -0.67
N GLU A 84 5.64 2.97 -1.27
CA GLU A 84 5.24 4.36 -1.50
C GLU A 84 5.15 5.12 -0.20
N ARG A 85 4.60 4.48 0.85
CA ARG A 85 4.44 5.14 2.15
C ARG A 85 5.79 5.45 2.82
N PHE A 86 6.77 4.54 2.72
CA PHE A 86 8.07 4.77 3.36
C PHE A 86 8.98 5.65 2.50
N LEU A 87 8.83 5.63 1.17
CA LEU A 87 9.65 6.49 0.30
C LEU A 87 9.04 7.87 0.03
N ASP A 88 7.70 8.01 0.18
CA ASP A 88 6.93 9.23 -0.22
C ASP A 88 7.22 9.48 -1.72
N ARG A 89 6.94 8.46 -2.53
CA ARG A 89 7.21 8.52 -3.97
C ARG A 89 6.18 7.69 -4.72
N ASN A 90 5.85 8.09 -5.95
CA ASN A 90 4.96 7.31 -6.81
C ASN A 90 5.78 6.26 -7.52
N LEU A 91 5.36 5.01 -7.42
CA LEU A 91 6.10 3.94 -8.09
C LEU A 91 5.40 3.51 -9.37
N PRO A 92 6.17 3.05 -10.39
CA PRO A 92 5.56 2.59 -11.65
C PRO A 92 4.96 1.20 -11.48
N GLY A 93 4.10 0.78 -12.41
CA GLY A 93 3.51 -0.55 -12.41
C GLY A 93 4.54 -1.66 -12.49
N SER A 94 5.72 -1.35 -13.05
CA SER A 94 6.89 -2.23 -13.17
C SER A 94 7.47 -2.62 -11.78
N ALA A 95 7.10 -1.88 -10.71
CA ALA A 95 7.54 -2.14 -9.34
C ALA A 95 6.94 -3.45 -8.75
N ASN A 96 6.08 -4.15 -9.51
CA ASN A 96 5.58 -5.45 -9.05
C ASN A 96 5.65 -6.41 -10.22
N VAL A 97 6.50 -7.42 -10.06
CA VAL A 97 6.73 -8.47 -11.05
C VAL A 97 6.21 -9.77 -10.46
N THR A 98 5.44 -10.54 -11.22
CA THR A 98 4.97 -11.83 -10.70
C THR A 98 5.49 -12.91 -11.61
N THR A 99 5.53 -14.16 -11.12
CA THR A 99 5.89 -15.30 -11.98
C THR A 99 4.89 -15.37 -13.15
N GLY A 100 3.60 -15.14 -12.86
CA GLY A 100 2.52 -15.13 -13.84
C GLY A 100 2.79 -14.18 -14.99
N GLN A 101 3.23 -12.95 -14.68
CA GLN A 101 3.59 -11.96 -15.70
C GLN A 101 4.74 -12.44 -16.56
N VAL A 102 5.81 -12.91 -15.93
CA VAL A 102 7.02 -13.32 -16.62
C VAL A 102 6.73 -14.48 -17.55
N TYR A 103 6.07 -15.55 -17.05
CA TYR A 103 5.80 -16.73 -17.86
C TYR A 103 4.83 -16.41 -18.98
N SER A 104 3.75 -15.65 -18.72
CA SER A 104 2.82 -15.38 -19.83
C SER A 104 3.46 -14.45 -20.87
N THR A 105 4.34 -13.51 -20.47
CA THR A 105 5.04 -12.69 -21.46
C THR A 105 5.94 -13.58 -22.35
N VAL A 106 6.75 -14.45 -21.72
CA VAL A 106 7.68 -15.31 -22.46
C VAL A 106 6.91 -16.33 -23.35
N ILE A 107 5.87 -16.96 -22.79
CA ILE A 107 5.09 -17.93 -23.56
C ILE A 107 4.38 -17.24 -24.75
N ALA A 108 3.81 -16.03 -24.53
CA ALA A 108 3.15 -15.26 -25.61
C ALA A 108 4.14 -14.92 -26.71
N LYS A 109 5.38 -14.51 -26.36
CA LYS A 109 6.44 -14.24 -27.35
C LYS A 109 6.81 -15.53 -28.10
N GLU A 110 6.90 -16.65 -27.38
CA GLU A 110 7.21 -17.95 -28.01
C GLU A 110 6.15 -18.32 -29.07
N ARG A 111 4.85 -18.26 -28.70
CA ARG A 111 3.72 -18.58 -29.58
C ARG A 111 3.70 -17.69 -30.87
N ARG A 112 4.17 -16.43 -30.78
CA ARG A 112 4.28 -15.50 -31.92
C ARG A 112 5.54 -15.74 -32.79
N GLY A 113 6.45 -16.62 -32.34
CA GLY A 113 7.68 -16.91 -33.07
C GLY A 113 8.79 -15.91 -32.84
N GLU A 114 8.71 -15.12 -31.77
CA GLU A 114 9.70 -14.08 -31.44
C GLU A 114 11.04 -14.63 -30.96
N TYR A 115 11.11 -15.93 -30.63
CA TYR A 115 12.40 -16.50 -30.23
C TYR A 115 13.09 -17.20 -31.40
N LEU A 116 12.53 -17.01 -32.61
CA LEU A 116 13.09 -17.38 -33.92
C LEU A 116 13.61 -18.82 -34.01
N GLY A 117 12.79 -19.79 -33.63
CA GLY A 117 13.20 -21.19 -33.75
C GLY A 117 13.92 -21.76 -32.53
N ASP A 118 14.17 -20.95 -31.51
CA ASP A 118 14.88 -21.43 -30.32
C ASP A 118 14.03 -22.29 -29.42
N THR A 119 14.69 -23.14 -28.65
CA THR A 119 14.10 -23.84 -27.52
C THR A 119 13.99 -22.77 -26.45
N VAL A 120 12.78 -22.50 -25.96
CA VAL A 120 12.58 -21.45 -24.96
C VAL A 120 12.76 -22.09 -23.61
N GLN A 121 13.72 -21.57 -22.84
CA GLN A 121 14.17 -22.18 -21.58
C GLN A 121 14.07 -21.29 -20.37
N VAL A 122 14.06 -21.90 -19.17
CA VAL A 122 14.09 -21.09 -17.91
C VAL A 122 15.35 -20.21 -17.95
N ILE A 123 16.50 -20.81 -18.27
CA ILE A 123 17.75 -20.09 -18.45
C ILE A 123 18.16 -20.28 -19.92
N PRO A 124 18.25 -19.21 -20.72
CA PRO A 124 18.19 -17.80 -20.31
C PRO A 124 16.85 -17.06 -20.47
N HIS A 125 15.81 -17.64 -21.10
CA HIS A 125 14.62 -16.85 -21.50
C HIS A 125 13.78 -16.33 -20.34
N ILE A 126 13.51 -17.15 -19.33
CA ILE A 126 12.74 -16.66 -18.19
C ILE A 126 13.58 -15.70 -17.35
N THR A 127 14.84 -16.08 -17.07
CA THR A 127 15.73 -15.26 -16.26
C THR A 127 16.06 -13.93 -17.00
N ASP A 128 16.16 -13.91 -18.35
CA ASP A 128 16.33 -12.65 -19.11
C ASP A 128 15.14 -11.74 -18.92
N GLU A 129 13.91 -12.30 -18.88
CA GLU A 129 12.72 -11.49 -18.70
C GLU A 129 12.70 -10.86 -17.31
N ILE A 130 13.02 -11.65 -16.26
CA ILE A 130 13.06 -11.12 -14.88
C ILE A 130 14.13 -10.04 -14.81
N LYS A 131 15.37 -10.33 -15.28
CA LYS A 131 16.48 -9.38 -15.30
C LYS A 131 16.09 -8.08 -16.01
N ARG A 132 15.39 -8.18 -17.16
CA ARG A 132 14.89 -7.02 -17.91
C ARG A 132 14.00 -6.14 -17.01
N ARG A 133 13.07 -6.76 -16.27
CA ARG A 133 12.14 -6.08 -15.35
C ARG A 133 12.88 -5.49 -14.15
N ILE A 134 13.99 -6.11 -13.69
CA ILE A 134 14.78 -5.53 -12.58
C ILE A 134 15.53 -4.29 -13.09
N LEU A 135 16.20 -4.45 -14.26
CA LEU A 135 17.04 -3.38 -14.83
C LEU A 135 16.21 -2.20 -15.32
N ALA A 136 14.92 -2.43 -15.72
CA ALA A 136 13.98 -1.38 -16.14
C ALA A 136 13.74 -0.32 -15.03
N MET A 137 13.86 -0.74 -13.76
CA MET A 137 13.71 0.13 -12.59
C MET A 137 14.83 1.20 -12.52
N ALA A 138 15.98 0.95 -13.15
CA ALA A 138 17.15 1.86 -13.20
C ALA A 138 17.05 2.86 -14.36
N GLN A 139 15.97 2.85 -15.16
CA GLN A 139 15.78 3.78 -16.27
C GLN A 139 15.36 5.17 -15.75
N PRO A 140 15.69 6.28 -16.47
CA PRO A 140 15.24 7.61 -16.00
C PRO A 140 13.72 7.69 -15.97
N ASP A 141 13.15 8.28 -14.88
CA ASP A 141 11.70 8.45 -14.72
C ASP A 141 11.17 9.55 -15.67
N ALA A 142 9.86 9.87 -15.57
CA ALA A 142 9.18 10.89 -16.38
C ALA A 142 9.82 12.28 -16.23
N ASP A 143 10.27 12.63 -15.01
CA ASP A 143 10.92 13.93 -14.74
C ASP A 143 12.39 13.96 -15.28
N GLY A 144 12.90 12.80 -15.73
CA GLY A 144 14.25 12.64 -16.29
C GLY A 144 15.30 12.09 -15.34
N ASN A 145 14.89 11.79 -14.08
CA ASN A 145 15.79 11.34 -13.03
C ASN A 145 15.97 9.83 -12.97
N ARG A 146 17.23 9.42 -12.88
CA ARG A 146 17.66 8.03 -12.76
C ARG A 146 17.86 7.73 -11.26
N PRO A 147 17.29 6.65 -10.67
CA PRO A 147 17.52 6.42 -9.22
C PRO A 147 18.98 6.13 -8.86
N ASP A 148 19.34 6.44 -7.60
CA ASP A 148 20.63 6.11 -7.04
C ASP A 148 20.67 4.64 -6.68
N VAL A 149 19.53 4.13 -6.10
CA VAL A 149 19.37 2.78 -5.62
C VAL A 149 18.01 2.25 -6.02
N VAL A 150 17.99 0.99 -6.45
CA VAL A 150 16.79 0.20 -6.68
C VAL A 150 16.80 -0.92 -5.65
N ILE A 151 15.83 -0.93 -4.72
CA ILE A 151 15.71 -2.03 -3.75
C ILE A 151 14.70 -3.02 -4.31
N THR A 152 15.16 -4.24 -4.58
CA THR A 152 14.30 -5.31 -5.10
C THR A 152 14.13 -6.37 -4.04
N GLU A 153 12.89 -6.54 -3.60
CA GLU A 153 12.51 -7.54 -2.62
C GLU A 153 12.15 -8.85 -3.35
N ILE A 154 12.85 -9.93 -3.02
CA ILE A 154 12.58 -11.22 -3.63
C ILE A 154 11.62 -12.00 -2.71
N GLY A 155 10.39 -12.18 -3.18
CA GLY A 155 9.37 -12.93 -2.46
C GLY A 155 9.72 -14.41 -2.45
N GLY A 156 9.12 -15.16 -1.53
CA GLY A 156 9.42 -16.57 -1.34
C GLY A 156 10.63 -16.70 -0.43
N THR A 157 10.98 -17.92 -0.08
CA THR A 157 12.07 -18.17 0.85
C THR A 157 13.16 -18.87 0.11
N VAL A 158 14.43 -18.53 0.38
CA VAL A 158 15.60 -19.21 -0.19
C VAL A 158 15.56 -20.70 0.21
N GLY A 159 15.71 -21.59 -0.78
CA GLY A 159 15.67 -23.04 -0.59
C GLY A 159 14.39 -23.62 -1.16
N ASP A 160 13.39 -22.75 -1.46
CA ASP A 160 12.13 -23.13 -2.08
C ASP A 160 12.22 -23.06 -3.61
N ILE A 161 11.42 -23.84 -4.30
CA ILE A 161 11.39 -23.94 -5.76
C ILE A 161 10.90 -22.65 -6.42
N GLU A 162 9.83 -22.06 -5.88
CA GLU A 162 9.16 -20.93 -6.51
C GLU A 162 10.03 -19.70 -6.75
N SER A 163 11.06 -19.48 -5.92
CA SER A 163 11.87 -18.27 -6.07
CA SER A 163 11.91 -18.29 -6.00
C SER A 163 13.18 -18.51 -6.80
N GLN A 164 13.43 -19.74 -7.25
CA GLN A 164 14.68 -20.07 -7.95
C GLN A 164 14.91 -19.22 -9.21
N PRO A 165 13.94 -19.01 -10.16
CA PRO A 165 14.24 -18.11 -11.31
C PRO A 165 14.56 -16.67 -10.89
N PHE A 166 13.86 -16.13 -9.88
CA PHE A 166 14.14 -14.76 -9.38
C PHE A 166 15.55 -14.64 -8.80
N LEU A 167 15.94 -15.64 -7.98
CA LEU A 167 17.26 -15.63 -7.34
C LEU A 167 18.33 -15.79 -8.40
N GLU A 168 18.09 -16.63 -9.41
CA GLU A 168 19.04 -16.78 -10.53
C GLU A 168 19.19 -15.46 -11.32
N ALA A 169 18.09 -14.74 -11.55
CA ALA A 169 18.14 -13.45 -12.25
C ALA A 169 18.96 -12.44 -11.44
N ALA A 170 18.75 -12.41 -10.09
CA ALA A 170 19.46 -11.48 -9.22
C ALA A 170 20.98 -11.81 -9.22
N ARG A 171 21.32 -13.11 -9.22
CA ARG A 171 22.71 -13.57 -9.32
C ARG A 171 23.35 -13.11 -10.65
N GLN A 172 22.57 -13.15 -11.75
CA GLN A 172 23.05 -12.68 -13.06
C GLN A 172 23.21 -11.17 -13.09
N VAL A 173 22.31 -10.42 -12.40
CA VAL A 173 22.45 -8.96 -12.28
C VAL A 173 23.81 -8.65 -11.60
N ARG A 174 24.13 -9.36 -10.50
CA ARG A 174 25.40 -9.22 -9.80
C ARG A 174 26.57 -9.57 -10.76
N HIS A 175 26.47 -10.67 -11.51
CA HIS A 175 27.52 -11.08 -12.45
C HIS A 175 27.76 -10.01 -13.51
N TYR A 176 26.68 -9.43 -14.06
CA TYR A 176 26.85 -8.49 -15.14
C TYR A 176 27.20 -7.06 -14.66
N LEU A 177 26.71 -6.63 -13.47
CA LEU A 177 27.01 -5.26 -13.01
C LEU A 177 28.23 -5.18 -12.09
N GLY A 178 28.60 -6.31 -11.49
CA GLY A 178 29.75 -6.38 -10.59
C GLY A 178 29.37 -6.12 -9.14
N ARG A 179 30.25 -6.50 -8.23
CA ARG A 179 30.07 -6.37 -6.78
C ARG A 179 29.94 -4.92 -6.30
N GLU A 180 30.54 -3.94 -7.01
CA GLU A 180 30.49 -2.52 -6.65
C GLU A 180 29.06 -1.92 -6.80
N ASP A 181 28.26 -2.46 -7.71
CA ASP A 181 26.92 -1.90 -7.97
C ASP A 181 25.79 -2.74 -7.40
N VAL A 182 26.09 -3.93 -6.82
CA VAL A 182 25.02 -4.84 -6.36
C VAL A 182 25.28 -5.27 -4.92
N PHE A 183 24.21 -5.22 -4.11
CA PHE A 183 24.28 -5.57 -2.70
C PHE A 183 23.19 -6.59 -2.37
N PHE A 184 23.57 -7.64 -1.61
CA PHE A 184 22.62 -8.65 -1.15
C PHE A 184 22.39 -8.57 0.33
N LEU A 185 21.12 -8.32 0.72
CA LEU A 185 20.64 -8.29 2.11
C LEU A 185 19.77 -9.52 2.34
N HIS A 186 20.12 -10.35 3.32
CA HIS A 186 19.38 -11.59 3.59
C HIS A 186 18.76 -11.51 4.95
N VAL A 187 17.46 -11.79 5.04
CA VAL A 187 16.66 -11.72 6.24
C VAL A 187 16.51 -13.12 6.78
N SER A 188 16.86 -13.28 8.06
CA SER A 188 16.82 -14.59 8.70
C SER A 188 16.11 -14.49 10.05
N LEU A 189 15.79 -15.65 10.64
CA LEU A 189 15.16 -15.77 11.95
C LEU A 189 16.17 -16.29 12.98
N VAL A 190 16.23 -15.64 14.14
CA VAL A 190 17.05 -16.08 15.28
C VAL A 190 16.02 -16.49 16.37
N PRO A 191 15.61 -17.77 16.41
CA PRO A 191 14.57 -18.16 17.36
C PRO A 191 15.08 -18.22 18.81
N TYR A 192 14.15 -18.03 19.74
CA TYR A 192 14.41 -18.15 21.18
C TYR A 192 13.79 -19.47 21.66
N LEU A 193 14.55 -20.28 22.41
CA LEU A 193 14.05 -21.53 22.96
C LEU A 193 13.83 -21.28 24.43
N ALA A 194 12.56 -21.13 24.84
CA ALA A 194 12.18 -20.81 26.23
C ALA A 194 12.67 -21.86 27.26
N PRO A 195 12.58 -23.22 27.05
CA PRO A 195 13.10 -24.14 28.09
C PRO A 195 14.58 -23.95 28.45
N SER A 196 15.45 -23.62 27.48
CA SER A 196 16.88 -23.43 27.75
C SER A 196 17.28 -21.96 27.86
N GLY A 197 16.36 -21.07 27.50
CA GLY A 197 16.60 -19.63 27.51
C GLY A 197 17.65 -19.20 26.51
N GLU A 198 17.78 -19.88 25.36
CA GLU A 198 18.83 -19.44 24.45
C GLU A 198 18.32 -19.07 23.05
N LEU A 199 19.04 -18.11 22.46
CA LEU A 199 18.84 -17.69 21.10
C LEU A 199 19.72 -18.60 20.24
N LYS A 200 19.26 -18.92 19.00
CA LYS A 200 19.96 -19.87 18.16
C LYS A 200 20.33 -19.28 16.82
N THR A 201 21.61 -19.43 16.45
CA THR A 201 22.14 -18.91 15.19
C THR A 201 22.15 -19.97 14.12
N LYS A 202 21.96 -21.26 14.48
CA LYS A 202 22.06 -22.35 13.50
C LYS A 202 21.14 -22.14 12.27
N PRO A 203 19.85 -21.74 12.41
CA PRO A 203 19.02 -21.52 11.20
C PRO A 203 19.62 -20.47 10.25
N THR A 204 20.21 -19.38 10.76
CA THR A 204 20.86 -18.37 9.89
C THR A 204 22.07 -19.02 9.18
N GLN A 205 22.88 -19.79 9.93
CA GLN A 205 24.06 -20.49 9.37
C GLN A 205 23.66 -21.35 8.15
N HIS A 206 22.61 -22.18 8.31
CA HIS A 206 22.12 -23.07 7.26
C HIS A 206 21.45 -22.30 6.13
N SER A 207 20.71 -21.21 6.44
CA SER A 207 20.05 -20.42 5.41
C SER A 207 21.07 -19.72 4.49
N VAL A 208 22.12 -19.17 5.09
CA VAL A 208 23.18 -18.49 4.31
C VAL A 208 23.92 -19.54 3.43
N ALA A 209 24.12 -20.79 3.93
CA ALA A 209 24.78 -21.84 3.11
C ALA A 209 23.89 -22.16 1.88
N ALA A 210 22.53 -22.17 2.05
CA ALA A 210 21.56 -22.42 0.95
C ALA A 210 21.59 -21.24 -0.04
N LEU A 211 21.70 -20.00 0.47
CA LEU A 211 21.82 -18.82 -0.38
C LEU A 211 23.13 -18.88 -1.16
N ARG A 212 24.23 -19.20 -0.48
CA ARG A 212 25.53 -19.32 -1.16
C ARG A 212 25.53 -20.42 -2.22
N SER A 213 24.83 -21.53 -1.95
CA SER A 213 24.75 -22.70 -2.85
C SER A 213 24.10 -22.33 -4.20
N ILE A 214 23.21 -21.32 -4.22
CA ILE A 214 22.60 -20.91 -5.47
C ILE A 214 23.40 -19.73 -6.08
N GLY A 215 24.59 -19.44 -5.55
CA GLY A 215 25.50 -18.46 -6.13
C GLY A 215 25.46 -17.06 -5.54
N ILE A 216 24.74 -16.85 -4.44
CA ILE A 216 24.67 -15.52 -3.87
C ILE A 216 25.42 -15.40 -2.53
N THR A 217 26.28 -14.38 -2.42
CA THR A 217 27.01 -14.09 -1.20
C THR A 217 26.34 -12.91 -0.52
N PRO A 218 25.75 -13.08 0.69
CA PRO A 218 25.11 -11.91 1.32
C PRO A 218 26.18 -10.93 1.78
N ASP A 219 25.88 -9.63 1.63
CA ASP A 219 26.73 -8.56 2.10
C ASP A 219 26.35 -8.22 3.52
N ALA A 220 25.06 -8.43 3.87
CA ALA A 220 24.56 -8.12 5.23
C ALA A 220 23.43 -9.05 5.59
N LEU A 221 23.20 -9.22 6.90
CA LEU A 221 22.13 -10.08 7.38
C LEU A 221 21.21 -9.36 8.34
N ILE A 222 19.90 -9.54 8.14
CA ILE A 222 18.89 -9.02 9.06
C ILE A 222 18.53 -10.17 9.98
N LEU A 223 18.83 -10.01 11.26
CA LEU A 223 18.52 -11.04 12.25
C LEU A 223 17.24 -10.69 12.94
N ARG A 224 16.14 -11.29 12.44
CA ARG A 224 14.81 -11.03 13.02
C ARG A 224 14.69 -11.84 14.29
N CYS A 225 14.32 -11.18 15.38
CA CYS A 225 14.33 -11.79 16.71
C CYS A 225 13.26 -11.12 17.58
N ASP A 226 12.86 -11.75 18.69
CA ASP A 226 11.90 -11.15 19.62
C ASP A 226 12.63 -10.32 20.69
N ARG A 227 13.99 -10.27 20.62
CA ARG A 227 14.82 -9.54 21.56
C ARG A 227 16.15 -9.18 20.90
N ASP A 228 17.02 -8.40 21.57
CA ASP A 228 18.33 -8.04 21.00
C ASP A 228 19.19 -9.28 20.80
N VAL A 229 19.90 -9.33 19.69
CA VAL A 229 20.83 -10.45 19.41
C VAL A 229 22.17 -10.06 20.05
N PRO A 230 22.66 -10.81 21.07
CA PRO A 230 23.93 -10.41 21.73
C PRO A 230 25.12 -10.44 20.79
N GLU A 231 26.12 -9.58 21.07
CA GLU A 231 27.37 -9.43 20.29
C GLU A 231 28.07 -10.77 20.04
N ALA A 232 28.09 -11.68 21.03
CA ALA A 232 28.70 -13.03 20.88
C ALA A 232 28.02 -13.84 19.75
N LEU A 233 26.70 -13.71 19.59
CA LEU A 233 25.94 -14.41 18.55
C LEU A 233 26.19 -13.76 17.20
N LYS A 234 26.25 -12.43 17.17
CA LYS A 234 26.55 -11.67 15.95
C LYS A 234 27.96 -12.01 15.48
N ASN A 235 28.93 -12.14 16.43
CA ASN A 235 30.32 -12.55 16.11
C ASN A 235 30.34 -13.95 15.53
N LYS A 236 29.57 -14.88 16.13
CA LYS A 236 29.49 -16.25 15.61
C LYS A 236 28.94 -16.24 14.17
N ILE A 237 27.86 -15.48 13.91
CA ILE A 237 27.25 -15.38 12.59
C ILE A 237 28.23 -14.74 11.61
N ALA A 238 28.91 -13.64 12.00
CA ALA A 238 29.89 -12.98 11.11
C ALA A 238 30.93 -14.01 10.66
N LEU A 239 31.42 -14.81 11.59
CA LEU A 239 32.43 -15.83 11.28
C LEU A 239 31.87 -16.98 10.43
N MET A 240 30.74 -17.55 10.80
CA MET A 240 30.25 -18.76 10.12
C MET A 240 29.62 -18.43 8.78
N CYS A 241 29.05 -17.23 8.64
CA CYS A 241 28.39 -16.85 7.40
C CYS A 241 29.30 -16.02 6.52
N ASP A 242 30.49 -15.66 7.05
CA ASP A 242 31.52 -14.81 6.43
C ASP A 242 30.84 -13.53 5.92
N VAL A 243 30.35 -12.77 6.89
CA VAL A 243 29.70 -11.47 6.66
C VAL A 243 30.43 -10.50 7.57
N ASP A 244 30.76 -9.32 7.06
CA ASP A 244 31.38 -8.26 7.87
C ASP A 244 30.51 -8.06 9.13
N ILE A 245 31.11 -8.04 10.33
CA ILE A 245 30.37 -7.83 11.59
C ILE A 245 29.46 -6.58 11.50
N ASP A 246 29.88 -5.53 10.75
CA ASP A 246 29.11 -4.30 10.58
C ASP A 246 27.85 -4.53 9.74
N GLY A 247 27.79 -5.67 9.05
CA GLY A 247 26.64 -6.03 8.24
C GLY A 247 25.76 -7.05 8.92
N VAL A 248 26.03 -7.35 10.20
CA VAL A 248 25.21 -8.33 10.94
C VAL A 248 24.28 -7.49 11.80
N ILE A 249 23.00 -7.44 11.41
CA ILE A 249 22.03 -6.50 11.99
C ILE A 249 21.03 -7.16 12.92
N SER A 250 21.14 -6.85 14.23
CA SER A 250 20.15 -7.31 15.21
C SER A 250 18.87 -6.53 14.96
N THR A 251 17.78 -7.21 14.55
CA THR A 251 16.53 -6.53 14.20
C THR A 251 15.40 -7.07 15.07
N PRO A 252 15.31 -6.63 16.35
CA PRO A 252 14.23 -7.17 17.20
C PRO A 252 12.88 -6.61 16.79
N ASP A 253 11.79 -7.37 17.10
CA ASP A 253 10.44 -6.93 16.82
C ASP A 253 10.25 -5.52 17.39
N ALA A 254 9.75 -4.60 16.56
CA ALA A 254 9.52 -3.19 16.94
C ALA A 254 8.07 -2.96 17.42
N PRO A 255 7.81 -1.95 18.31
CA PRO A 255 6.41 -1.70 18.77
C PRO A 255 5.49 -1.21 17.66
N SER A 256 6.00 -0.42 16.72
CA SER A 256 5.23 0.04 15.57
C SER A 256 6.08 -0.09 14.32
N ILE A 257 5.44 -0.20 13.16
CA ILE A 257 6.18 -0.32 11.88
C ILE A 257 7.07 0.92 11.63
N TYR A 258 6.66 2.07 12.18
CA TYR A 258 7.35 3.35 12.02
CA TYR A 258 7.42 3.28 11.94
C TYR A 258 8.66 3.36 12.84
N ASP A 259 8.83 2.39 13.78
CA ASP A 259 10.04 2.31 14.62
C ASP A 259 11.15 1.52 13.94
N ILE A 260 10.83 0.73 12.89
CA ILE A 260 11.83 -0.11 12.23
C ILE A 260 13.00 0.76 11.65
N PRO A 261 12.82 1.94 11.00
CA PRO A 261 14.00 2.70 10.53
C PRO A 261 14.98 3.00 11.67
N LYS A 262 14.49 3.34 12.88
CA LYS A 262 15.35 3.61 14.06
C LYS A 262 16.10 2.37 14.49
N VAL A 263 15.45 1.17 14.42
CA VAL A 263 16.13 -0.10 14.76
C VAL A 263 17.31 -0.35 13.80
N LEU A 264 17.08 -0.19 12.48
CA LEU A 264 18.11 -0.38 11.46
C LEU A 264 19.22 0.68 11.55
N HIS A 265 18.84 1.92 11.86
CA HIS A 265 19.80 3.02 11.96
C HIS A 265 20.72 2.85 13.18
N ARG A 266 20.17 2.39 14.34
CA ARG A 266 20.96 2.10 15.55
C ARG A 266 22.06 1.04 15.27
N GLU A 267 21.74 0.06 14.43
CA GLU A 267 22.69 -0.99 14.03
C GLU A 267 23.57 -0.52 12.86
N GLU A 268 23.35 0.73 12.37
CA GLU A 268 24.10 1.40 11.30
C GLU A 268 24.03 0.62 9.97
N LEU A 269 22.90 -0.03 9.69
CA LEU A 269 22.78 -0.78 8.42
C LEU A 269 22.88 0.15 7.20
N ASP A 270 22.16 1.28 7.22
CA ASP A 270 22.14 2.21 6.10
C ASP A 270 23.56 2.80 5.86
N ALA A 271 24.36 3.09 6.93
CA ALA A 271 25.75 3.61 6.75
C ALA A 271 26.64 2.49 6.15
N PHE A 272 26.42 1.24 6.58
CA PHE A 272 27.15 0.11 5.97
C PHE A 272 26.82 -0.03 4.46
N VAL A 273 25.53 0.10 4.09
CA VAL A 273 25.04 0.00 2.70
C VAL A 273 25.68 1.10 1.85
N VAL A 274 25.65 2.34 2.34
CA VAL A 274 26.20 3.49 1.64
C VAL A 274 27.70 3.30 1.38
N ARG A 275 28.45 2.85 2.39
CA ARG A 275 29.90 2.63 2.24
C ARG A 275 30.18 1.45 1.29
N ARG A 276 29.48 0.31 1.46
CA ARG A 276 29.69 -0.89 0.64
C ARG A 276 29.38 -0.65 -0.87
N LEU A 277 28.35 0.16 -1.18
CA LEU A 277 27.96 0.47 -2.57
C LEU A 277 28.65 1.72 -3.11
N ASN A 278 29.52 2.35 -2.30
CA ASN A 278 30.27 3.55 -2.67
C ASN A 278 29.29 4.66 -3.16
N LEU A 279 28.24 4.87 -2.39
CA LEU A 279 27.22 5.87 -2.68
C LEU A 279 27.62 7.18 -2.04
N PRO A 280 27.16 8.36 -2.57
CA PRO A 280 27.49 9.63 -1.91
C PRO A 280 27.02 9.60 -0.46
N PHE A 281 27.90 9.97 0.47
CA PHE A 281 27.57 9.91 1.89
C PHE A 281 27.01 11.24 2.39
N ARG A 282 25.92 11.15 3.15
CA ARG A 282 25.26 12.26 3.83
C ARG A 282 24.55 11.70 5.04
N ASP A 283 24.54 12.44 6.14
CA ASP A 283 23.86 12.00 7.35
C ASP A 283 22.35 11.96 7.13
N VAL A 284 21.65 11.07 7.86
CA VAL A 284 20.20 11.02 7.83
C VAL A 284 19.65 12.34 8.40
N ASP A 285 18.71 12.95 7.68
CA ASP A 285 17.98 14.11 8.16
C ASP A 285 16.73 13.52 8.85
N TRP A 286 16.74 13.49 10.20
CA TRP A 286 15.69 12.88 11.03
C TRP A 286 14.46 13.78 11.27
N THR A 287 14.47 15.03 10.77
CA THR A 287 13.38 16.00 10.98
C THR A 287 11.99 15.41 10.72
N GLU A 288 11.73 14.95 9.50
CA GLU A 288 10.42 14.45 9.11
C GLU A 288 10.02 13.15 9.91
N TRP A 289 10.92 12.16 10.06
CA TRP A 289 10.57 10.91 10.74
C TRP A 289 10.43 11.07 12.26
N ASP A 290 11.23 11.94 12.90
CA ASP A 290 11.10 12.18 14.34
C ASP A 290 9.76 12.83 14.65
N ASP A 291 9.31 13.68 13.75
CA ASP A 291 8.03 14.37 13.84
C ASP A 291 6.89 13.35 13.77
N LEU A 292 6.98 12.39 12.82
CA LEU A 292 6.01 11.30 12.68
C LEU A 292 5.97 10.48 13.97
N LEU A 293 7.15 10.05 14.46
CA LEU A 293 7.24 9.23 15.68
C LEU A 293 6.63 9.91 16.92
N ARG A 294 6.72 11.24 17.03
CA ARG A 294 6.07 11.97 18.13
C ARG A 294 4.55 11.87 17.99
N ARG A 295 4.02 11.92 16.74
CA ARG A 295 2.58 11.83 16.49
C ARG A 295 2.09 10.39 16.70
N VAL A 296 2.95 9.40 16.41
CA VAL A 296 2.67 7.98 16.61
C VAL A 296 2.63 7.64 18.13
N HIS A 297 3.70 7.98 18.86
CA HIS A 297 3.84 7.57 20.26
C HIS A 297 3.31 8.55 21.28
N GLU A 298 3.11 9.83 20.90
CA GLU A 298 2.61 10.80 21.87
C GLU A 298 1.33 11.52 21.36
N PRO A 299 0.21 10.82 21.03
CA PRO A 299 -1.01 11.55 20.64
C PRO A 299 -1.57 12.39 21.80
N HIS A 300 -2.27 13.49 21.49
CA HIS A 300 -2.85 14.40 22.49
C HIS A 300 -4.30 14.03 22.78
N GLU A 301 -4.91 13.19 21.91
CA GLU A 301 -6.31 12.75 22.03
C GLU A 301 -6.57 11.51 21.19
N THR A 302 -7.73 10.88 21.42
CA THR A 302 -8.15 9.68 20.72
C THR A 302 -9.49 9.97 20.05
N VAL A 303 -9.71 9.36 18.90
CA VAL A 303 -10.96 9.48 18.14
C VAL A 303 -11.28 8.08 17.55
N ARG A 304 -12.56 7.66 17.64
CA ARG A 304 -13.00 6.34 17.15
C ARG A 304 -13.66 6.44 15.78
N ILE A 305 -13.17 5.68 14.81
CA ILE A 305 -13.69 5.70 13.45
C ILE A 305 -14.15 4.32 13.05
N ALA A 306 -15.39 4.21 12.55
CA ALA A 306 -15.88 2.94 12.01
C ALA A 306 -15.40 2.75 10.58
N LEU A 307 -14.81 1.61 10.29
CA LEU A 307 -14.43 1.21 8.94
C LEU A 307 -15.46 0.15 8.59
N VAL A 308 -16.46 0.53 7.78
CA VAL A 308 -17.62 -0.33 7.48
C VAL A 308 -17.31 -1.17 6.22
N GLY A 309 -16.55 -2.23 6.44
CA GLY A 309 -16.11 -3.09 5.35
C GLY A 309 -17.03 -4.28 5.16
N LYS A 310 -17.02 -4.86 3.96
CA LYS A 310 -17.84 -6.05 3.66
C LYS A 310 -17.43 -7.21 4.58
N TYR A 311 -16.13 -7.38 4.79
CA TYR A 311 -15.55 -8.42 5.63
C TYR A 311 -14.40 -7.76 6.35
N VAL A 312 -14.39 -7.82 7.69
CA VAL A 312 -13.38 -7.06 8.46
C VAL A 312 -12.49 -7.95 9.37
N GLU A 313 -12.39 -9.26 9.11
CA GLU A 313 -11.53 -10.11 9.92
C GLU A 313 -10.06 -10.02 9.50
N LEU A 314 -9.76 -9.59 8.25
CA LEU A 314 -8.40 -9.42 7.74
C LEU A 314 -8.16 -7.92 7.53
N SER A 315 -7.42 -7.27 8.44
CA SER A 315 -7.20 -5.82 8.35
C SER A 315 -6.44 -5.42 7.09
N ASP A 316 -5.56 -6.31 6.56
CA ASP A 316 -4.77 -6.06 5.35
C ASP A 316 -5.65 -5.82 4.10
N ALA A 317 -6.92 -6.28 4.12
CA ALA A 317 -7.89 -6.00 3.01
C ALA A 317 -8.15 -4.48 2.90
N TYR A 318 -7.94 -3.73 4.00
CA TYR A 318 -8.12 -2.28 4.03
C TYR A 318 -6.87 -1.55 4.57
N LEU A 319 -5.69 -2.11 4.30
CA LEU A 319 -4.44 -1.59 4.81
C LEU A 319 -4.20 -0.09 4.46
N SER A 320 -4.27 0.29 3.17
CA SER A 320 -4.03 1.68 2.77
C SER A 320 -5.10 2.62 3.38
N VAL A 321 -6.33 2.12 3.53
CA VAL A 321 -7.40 2.93 4.16
C VAL A 321 -7.07 3.17 5.65
N ALA A 322 -6.71 2.08 6.36
CA ALA A 322 -6.35 2.11 7.79
C ALA A 322 -5.14 3.03 8.03
N GLU A 323 -4.14 2.96 7.14
CA GLU A 323 -2.95 3.82 7.24
C GLU A 323 -3.31 5.28 6.99
N ALA A 324 -4.23 5.55 6.04
CA ALA A 324 -4.65 6.91 5.69
C ALA A 324 -5.46 7.54 6.83
N LEU A 325 -6.29 6.72 7.51
CA LEU A 325 -7.05 7.12 8.68
C LEU A 325 -6.08 7.49 9.79
N ARG A 326 -5.06 6.63 10.08
CA ARG A 326 -4.08 6.94 11.13
C ARG A 326 -3.28 8.19 10.79
N ALA A 327 -2.85 8.36 9.51
CA ALA A 327 -2.11 9.54 9.04
C ALA A 327 -2.97 10.81 9.21
N GLY A 328 -4.27 10.72 8.94
CA GLY A 328 -5.20 11.82 9.19
C GLY A 328 -5.18 12.21 10.67
N GLY A 329 -5.12 11.20 11.54
CA GLY A 329 -5.00 11.37 12.98
C GLY A 329 -3.70 12.07 13.35
N PHE A 330 -2.55 11.59 12.78
CA PHE A 330 -1.23 12.17 13.06
C PHE A 330 -1.20 13.68 12.81
N LYS A 331 -1.81 14.13 11.71
CA LYS A 331 -1.92 15.57 11.38
C LYS A 331 -2.56 16.36 12.52
N HIS A 332 -3.52 15.76 13.25
CA HIS A 332 -4.22 16.45 14.34
C HIS A 332 -3.64 16.09 15.70
N ARG A 333 -2.50 15.34 15.71
CA ARG A 333 -1.83 14.84 16.93
C ARG A 333 -2.84 13.97 17.70
N ALA A 334 -3.65 13.22 16.93
CA ALA A 334 -4.70 12.36 17.48
C ALA A 334 -4.42 10.90 17.16
N LYS A 335 -4.92 10.00 18.00
CA LYS A 335 -4.81 8.57 17.78
C LYS A 335 -6.15 8.11 17.22
N VAL A 336 -6.13 7.55 16.01
CA VAL A 336 -7.36 7.04 15.42
C VAL A 336 -7.52 5.59 15.84
N GLU A 337 -8.60 5.29 16.58
CA GLU A 337 -8.95 3.93 16.96
C GLU A 337 -9.95 3.42 15.93
N ILE A 338 -9.57 2.40 15.17
CA ILE A 338 -10.45 1.87 14.13
C ILE A 338 -11.39 0.84 14.72
N CYS A 339 -12.69 1.07 14.55
CA CYS A 339 -13.73 0.13 14.95
C CYS A 339 -14.12 -0.62 13.69
N TRP A 340 -13.61 -1.85 13.55
CA TRP A 340 -13.85 -2.69 12.38
C TRP A 340 -15.30 -3.20 12.40
N VAL A 341 -16.14 -2.70 11.48
CA VAL A 341 -17.56 -3.01 11.48
C VAL A 341 -17.93 -3.78 10.21
N ALA A 342 -18.52 -4.97 10.37
CA ALA A 342 -19.00 -5.75 9.23
C ALA A 342 -20.23 -5.01 8.67
N SER A 343 -20.19 -4.65 7.37
CA SER A 343 -21.29 -3.91 6.76
C SER A 343 -22.64 -4.65 6.83
N ASP A 344 -22.66 -6.02 6.75
CA ASP A 344 -23.91 -6.81 6.78
C ASP A 344 -24.73 -6.60 8.05
N GLY A 345 -24.10 -6.13 9.11
CA GLY A 345 -24.77 -5.87 10.37
C GLY A 345 -25.41 -4.50 10.45
N CYS A 346 -25.19 -3.63 9.43
CA CYS A 346 -25.71 -2.25 9.40
C CYS A 346 -26.93 -2.08 8.48
N GLU A 347 -27.45 -3.16 7.90
CA GLU A 347 -28.57 -3.08 6.96
C GLU A 347 -29.83 -2.49 7.64
N THR A 348 -30.15 -2.94 8.87
CA THR A 348 -31.31 -2.43 9.62
C THR A 348 -30.87 -1.24 10.48
N THR A 349 -31.83 -0.37 10.85
CA THR A 349 -31.54 0.82 11.65
C THR A 349 -31.03 0.43 13.06
N SER A 350 -31.56 -0.66 13.66
CA SER A 350 -31.14 -1.15 14.98
C SER A 350 -29.75 -1.81 14.91
N GLY A 351 -29.46 -2.50 13.79
CA GLY A 351 -28.15 -3.08 13.55
C GLY A 351 -27.08 -2.02 13.37
N ALA A 352 -27.38 -0.98 12.56
CA ALA A 352 -26.47 0.14 12.32
C ALA A 352 -26.25 0.96 13.63
N ALA A 353 -27.29 1.08 14.47
CA ALA A 353 -27.19 1.79 15.76
C ALA A 353 -26.29 1.05 16.74
N ALA A 354 -26.41 -0.29 16.80
CA ALA A 354 -25.60 -1.15 17.66
C ALA A 354 -24.13 -1.09 17.24
N ALA A 355 -23.88 -1.10 15.94
CA ALA A 355 -22.54 -1.09 15.37
C ALA A 355 -21.88 0.28 15.39
N LEU A 356 -22.64 1.39 15.14
CA LEU A 356 -22.06 2.72 14.97
C LEU A 356 -22.43 3.76 16.05
N GLY A 357 -23.21 3.37 17.06
CA GLY A 357 -23.65 4.26 18.13
C GLY A 357 -22.55 4.96 18.92
N ASP A 358 -21.39 4.32 19.09
CA ASP A 358 -20.31 4.90 19.89
C ASP A 358 -19.10 5.35 19.07
N VAL A 359 -19.24 5.54 17.74
CA VAL A 359 -18.11 6.00 16.93
C VAL A 359 -18.22 7.54 16.70
N HIS A 360 -17.16 8.15 16.16
CA HIS A 360 -17.13 9.61 15.90
C HIS A 360 -17.06 9.92 14.41
N GLY A 361 -17.01 8.90 13.59
CA GLY A 361 -16.93 9.04 12.14
C GLY A 361 -17.12 7.69 11.49
N VAL A 362 -17.61 7.71 10.24
CA VAL A 362 -17.92 6.49 9.50
C VAL A 362 -17.23 6.53 8.16
N LEU A 363 -16.38 5.56 7.94
CA LEU A 363 -15.66 5.41 6.67
CA LEU A 363 -15.67 5.43 6.68
C LEU A 363 -16.24 4.25 5.89
N ILE A 364 -16.72 4.51 4.66
CA ILE A 364 -17.28 3.47 3.80
C ILE A 364 -16.20 3.22 2.74
N PRO A 365 -15.44 2.12 2.84
CA PRO A 365 -14.36 1.93 1.86
C PRO A 365 -14.85 1.33 0.56
N GLY A 366 -13.91 1.16 -0.36
CA GLY A 366 -14.13 0.52 -1.65
C GLY A 366 -14.51 -0.94 -1.47
N GLY A 367 -15.13 -1.49 -2.48
CA GLY A 367 -15.57 -2.89 -2.48
C GLY A 367 -15.56 -3.46 -3.86
N PHE A 368 -14.41 -3.37 -4.53
CA PHE A 368 -14.24 -3.94 -5.86
C PHE A 368 -14.57 -5.45 -5.79
N GLY A 369 -15.44 -5.91 -6.67
CA GLY A 369 -15.82 -7.32 -6.75
C GLY A 369 -16.75 -7.88 -5.67
N ILE A 370 -17.19 -7.08 -4.68
CA ILE A 370 -18.08 -7.64 -3.64
C ILE A 370 -19.55 -7.70 -4.14
N ARG A 371 -20.41 -8.41 -3.40
CA ARG A 371 -21.85 -8.50 -3.63
C ARG A 371 -22.57 -8.13 -2.34
N GLY A 372 -23.66 -7.36 -2.42
CA GLY A 372 -24.46 -7.02 -1.23
C GLY A 372 -23.97 -5.79 -0.50
N ILE A 373 -24.53 -4.64 -0.86
CA ILE A 373 -24.12 -3.33 -0.33
C ILE A 373 -25.20 -2.68 0.54
N GLU A 374 -26.27 -3.42 0.87
CA GLU A 374 -27.37 -2.85 1.65
C GLU A 374 -26.90 -2.42 3.04
N GLY A 375 -25.88 -3.09 3.58
CA GLY A 375 -25.31 -2.74 4.87
C GLY A 375 -24.55 -1.41 4.83
N LYS A 376 -23.81 -1.15 3.72
CA LYS A 376 -23.07 0.11 3.52
C LYS A 376 -24.07 1.28 3.37
N ILE A 377 -25.17 1.07 2.59
CA ILE A 377 -26.24 2.09 2.43
C ILE A 377 -26.90 2.36 3.80
N GLY A 378 -27.15 1.29 4.58
CA GLY A 378 -27.72 1.40 5.93
C GLY A 378 -26.85 2.20 6.88
N ALA A 379 -25.52 2.01 6.81
CA ALA A 379 -24.56 2.75 7.64
C ALA A 379 -24.60 4.27 7.30
N ILE A 380 -24.74 4.63 6.01
CA ILE A 380 -24.78 6.04 5.55
C ILE A 380 -26.09 6.68 6.03
N ALA A 381 -27.22 5.96 5.91
CA ALA A 381 -28.53 6.45 6.35
C ALA A 381 -28.48 6.73 7.86
N TYR A 382 -27.83 5.83 8.65
CA TYR A 382 -27.70 6.01 10.10
C TYR A 382 -26.82 7.22 10.41
N ALA A 383 -25.63 7.29 9.78
CA ALA A 383 -24.67 8.37 10.00
C ALA A 383 -25.26 9.76 9.66
N ARG A 384 -26.04 9.88 8.55
CA ARG A 384 -26.72 11.13 8.19
C ARG A 384 -27.71 11.60 9.26
N ALA A 385 -28.52 10.66 9.80
CA ALA A 385 -29.52 10.96 10.84
C ALA A 385 -28.86 11.28 12.17
N ARG A 386 -27.76 10.58 12.48
CA ARG A 386 -27.01 10.71 13.73
C ARG A 386 -26.14 12.00 13.78
N GLY A 387 -25.81 12.55 12.60
CA GLY A 387 -24.94 13.73 12.48
C GLY A 387 -23.48 13.31 12.44
N LEU A 388 -23.20 12.03 12.14
CA LEU A 388 -21.85 11.50 12.06
C LEU A 388 -21.15 11.88 10.77
N PRO A 389 -19.86 12.28 10.83
CA PRO A 389 -19.10 12.51 9.61
C PRO A 389 -18.99 11.22 8.77
N VAL A 390 -19.02 11.35 7.43
CA VAL A 390 -18.93 10.21 6.51
C VAL A 390 -17.91 10.52 5.44
N LEU A 391 -17.03 9.56 5.17
CA LEU A 391 -16.12 9.59 4.04
C LEU A 391 -16.31 8.29 3.26
N GLY A 392 -16.76 8.42 2.02
CA GLY A 392 -16.99 7.28 1.14
C GLY A 392 -15.96 7.21 0.04
N LEU A 393 -15.38 6.02 -0.20
CA LEU A 393 -14.35 5.80 -1.21
C LEU A 393 -14.85 4.82 -2.26
N CYS A 394 -14.96 5.29 -3.50
CA CYS A 394 -15.42 4.55 -4.69
C CYS A 394 -16.84 3.98 -4.48
N LEU A 395 -16.94 2.71 -4.03
CA LEU A 395 -18.23 2.12 -3.66
C LEU A 395 -18.94 3.02 -2.61
N GLY A 396 -18.14 3.66 -1.74
CA GLY A 396 -18.63 4.60 -0.73
C GLY A 396 -19.39 5.77 -1.34
N LEU A 397 -18.84 6.42 -2.40
CA LEU A 397 -19.55 7.50 -3.10
C LEU A 397 -20.83 6.96 -3.73
N GLN A 398 -20.72 5.81 -4.38
CA GLN A 398 -21.85 5.17 -5.02
C GLN A 398 -22.98 4.90 -4.02
N CYS A 399 -22.63 4.48 -2.78
CA CYS A 399 -23.58 4.23 -1.70
C CYS A 399 -24.16 5.53 -1.19
N ILE A 400 -23.35 6.62 -1.13
CA ILE A 400 -23.86 7.93 -0.74
C ILE A 400 -24.90 8.38 -1.79
N VAL A 401 -24.57 8.20 -3.09
CA VAL A 401 -25.47 8.60 -4.19
C VAL A 401 -26.77 7.76 -4.16
N ILE A 402 -26.64 6.44 -3.95
CA ILE A 402 -27.83 5.56 -3.89
C ILE A 402 -28.73 5.95 -2.72
N GLU A 403 -28.15 6.15 -1.52
CA GLU A 403 -28.92 6.52 -0.33
C GLU A 403 -29.62 7.88 -0.54
N ALA A 404 -28.94 8.87 -1.19
CA ALA A 404 -29.53 10.20 -1.47
C ALA A 404 -30.75 10.07 -2.40
N ALA A 405 -30.61 9.24 -3.46
CA ALA A 405 -31.68 8.99 -4.43
C ALA A 405 -32.88 8.33 -3.74
N ARG A 406 -32.63 7.35 -2.84
CA ARG A 406 -33.72 6.67 -2.11
C ARG A 406 -34.37 7.61 -1.10
N SER A 407 -33.60 8.55 -0.51
CA SER A 407 -34.16 9.48 0.48
C SER A 407 -35.11 10.50 -0.18
N VAL A 408 -35.10 10.62 -1.54
CA VAL A 408 -35.99 11.56 -2.24
C VAL A 408 -37.06 10.84 -3.09
N GLY A 409 -37.37 9.59 -2.76
CA GLY A 409 -38.47 8.88 -3.43
C GLY A 409 -38.14 7.82 -4.45
N LEU A 410 -36.85 7.71 -4.85
CA LEU A 410 -36.43 6.66 -5.78
C LEU A 410 -36.11 5.43 -4.94
N THR A 411 -37.15 4.85 -4.32
CA THR A 411 -37.10 3.73 -3.36
C THR A 411 -36.23 2.54 -3.84
N ASN A 412 -36.27 2.23 -5.13
CA ASN A 412 -35.52 1.10 -5.68
C ASN A 412 -34.24 1.53 -6.40
N ALA A 413 -33.78 2.79 -6.16
CA ALA A 413 -32.52 3.29 -6.72
C ALA A 413 -31.37 2.37 -6.33
N ASN A 414 -30.45 2.15 -7.26
CA ASN A 414 -29.31 1.28 -7.00
C ASN A 414 -28.27 1.41 -8.09
N SER A 415 -27.18 0.67 -7.94
CA SER A 415 -26.21 0.56 -9.00
C SER A 415 -26.64 -0.61 -9.86
N ALA A 416 -26.49 -0.51 -11.20
CA ALA A 416 -26.76 -1.64 -12.10
C ALA A 416 -25.75 -2.79 -11.84
N GLU A 417 -24.66 -2.49 -11.10
CA GLU A 417 -23.66 -3.51 -10.71
C GLU A 417 -24.27 -4.52 -9.69
N PHE A 418 -25.01 -4.01 -8.71
CA PHE A 418 -25.56 -4.80 -7.60
C PHE A 418 -27.02 -5.20 -7.78
N ASP A 419 -27.77 -4.49 -8.64
CA ASP A 419 -29.16 -4.83 -8.98
C ASP A 419 -29.36 -4.48 -10.46
N PRO A 420 -29.04 -5.42 -11.39
CA PRO A 420 -29.20 -5.10 -12.84
C PRO A 420 -30.63 -4.75 -13.26
N ASP A 421 -31.62 -5.20 -12.46
CA ASP A 421 -33.03 -5.00 -12.74
C ASP A 421 -33.60 -3.75 -12.10
N THR A 422 -32.74 -2.89 -11.48
CA THR A 422 -33.22 -1.66 -10.85
C THR A 422 -33.92 -0.75 -11.88
N PRO A 423 -35.12 -0.21 -11.54
CA PRO A 423 -35.76 0.74 -12.46
C PRO A 423 -35.02 2.08 -12.49
N ASP A 424 -34.18 2.35 -11.46
CA ASP A 424 -33.42 3.58 -11.36
C ASP A 424 -31.94 3.29 -11.18
N PRO A 425 -31.20 2.97 -12.28
CA PRO A 425 -29.74 2.78 -12.17
C PRO A 425 -29.03 4.12 -12.02
N VAL A 426 -29.00 4.66 -10.78
CA VAL A 426 -28.38 5.97 -10.47
C VAL A 426 -26.85 5.84 -10.61
N ILE A 427 -26.34 4.59 -10.55
CA ILE A 427 -24.93 4.24 -10.77
C ILE A 427 -24.99 3.25 -11.93
N ALA A 428 -24.20 3.50 -12.98
CA ALA A 428 -24.23 2.67 -14.18
C ALA A 428 -22.92 2.78 -14.93
N THR A 429 -22.70 1.89 -15.91
CA THR A 429 -21.54 1.99 -16.79
C THR A 429 -21.80 3.09 -17.82
N MET A 430 -20.72 3.68 -18.38
CA MET A 430 -20.76 4.78 -19.35
C MET A 430 -20.51 4.25 -20.77
N GLY A 444 -21.18 -2.40 -20.64
CA GLY A 444 -19.78 -2.72 -20.41
C GLY A 444 -19.03 -1.55 -19.79
N GLY A 445 -18.98 -0.45 -20.52
CA GLY A 445 -18.33 0.77 -20.09
C GLY A 445 -16.82 0.77 -20.18
N THR A 446 -16.19 1.61 -19.36
CA THR A 446 -14.73 1.76 -19.36
C THR A 446 -14.20 1.60 -17.95
N MET A 447 -13.29 0.64 -17.78
CA MET A 447 -12.61 0.43 -16.51
C MET A 447 -11.60 1.58 -16.33
N ARG A 448 -11.80 2.40 -15.29
CA ARG A 448 -10.89 3.51 -15.02
C ARG A 448 -9.89 3.07 -13.97
N LEU A 449 -8.63 3.01 -14.38
CA LEU A 449 -7.52 2.58 -13.54
C LEU A 449 -6.43 3.64 -13.45
N GLY A 450 -5.95 3.91 -12.24
CA GLY A 450 -4.86 4.85 -12.06
C GLY A 450 -5.31 6.29 -11.99
N SER A 451 -4.36 7.22 -12.16
CA SER A 451 -4.62 8.64 -11.98
C SER A 451 -5.55 9.26 -13.03
N TYR A 452 -6.55 10.02 -12.55
CA TYR A 452 -7.50 10.80 -13.36
C TYR A 452 -7.64 12.19 -12.76
N PRO A 453 -7.64 13.25 -13.61
CA PRO A 453 -7.80 14.62 -13.08
C PRO A 453 -9.26 14.92 -12.72
N ALA A 454 -9.47 15.76 -11.71
CA ALA A 454 -10.79 16.22 -11.30
C ALA A 454 -10.72 17.73 -11.08
N VAL A 455 -11.82 18.43 -11.34
CA VAL A 455 -11.97 19.86 -11.14
C VAL A 455 -13.04 20.03 -10.05
N LEU A 456 -12.72 20.84 -9.03
CA LEU A 456 -13.58 20.99 -7.87
C LEU A 456 -14.26 22.32 -7.86
N GLU A 457 -15.50 22.33 -7.36
CA GLU A 457 -16.31 23.54 -7.23
C GLU A 457 -15.60 24.44 -6.21
N PRO A 458 -15.22 25.71 -6.52
CA PRO A 458 -14.54 26.52 -5.48
C PRO A 458 -15.45 26.72 -4.27
N ASP A 459 -14.88 26.72 -3.05
CA ASP A 459 -15.62 26.91 -1.77
C ASP A 459 -16.48 25.70 -1.37
N SER A 460 -16.35 24.57 -2.09
CA SER A 460 -17.01 23.32 -1.72
C SER A 460 -16.18 22.71 -0.57
N VAL A 461 -16.75 21.74 0.17
CA VAL A 461 -16.09 21.02 1.27
C VAL A 461 -14.81 20.38 0.75
N VAL A 462 -14.89 19.72 -0.42
CA VAL A 462 -13.75 19.03 -1.02
C VAL A 462 -12.67 20.04 -1.44
N ALA A 463 -13.04 21.21 -2.04
CA ALA A 463 -12.02 22.21 -2.45
C ALA A 463 -11.35 22.82 -1.24
N GLN A 464 -12.12 23.05 -0.15
CA GLN A 464 -11.55 23.60 1.08
C GLN A 464 -10.58 22.57 1.74
N ALA A 465 -10.86 21.26 1.63
CA ALA A 465 -10.00 20.23 2.21
C ALA A 465 -8.67 20.16 1.47
N TYR A 466 -8.73 20.12 0.12
CA TYR A 466 -7.56 20.07 -0.74
C TYR A 466 -6.82 21.40 -0.81
N GLN A 467 -7.52 22.52 -0.56
CA GLN A 467 -6.99 23.89 -0.65
C GLN A 467 -6.64 24.24 -2.12
N THR A 468 -7.25 23.53 -3.07
CA THR A 468 -7.08 23.74 -4.51
C THR A 468 -8.35 23.25 -5.21
N THR A 469 -8.56 23.70 -6.46
CA THR A 469 -9.72 23.26 -7.25
C THR A 469 -9.31 22.26 -8.33
N GLN A 470 -8.01 21.90 -8.40
CA GLN A 470 -7.51 20.98 -9.43
C GLN A 470 -6.71 19.89 -8.76
N VAL A 471 -7.22 18.65 -8.87
CA VAL A 471 -6.61 17.51 -8.20
C VAL A 471 -6.55 16.31 -9.15
N SER A 472 -5.82 15.27 -8.74
CA SER A 472 -5.79 13.99 -9.44
C SER A 472 -5.82 12.89 -8.36
N GLU A 473 -6.51 11.79 -8.65
CA GLU A 473 -6.63 10.68 -7.73
C GLU A 473 -6.64 9.41 -8.51
N ARG A 474 -6.34 8.29 -7.84
CA ARG A 474 -6.27 6.99 -8.51
C ARG A 474 -7.59 6.26 -8.43
N HIS A 475 -7.98 5.65 -9.58
CA HIS A 475 -9.26 4.94 -9.70
C HIS A 475 -9.10 3.45 -9.94
N ARG A 476 -10.14 2.69 -9.61
CA ARG A 476 -10.25 1.26 -9.87
C ARG A 476 -11.75 0.92 -9.94
N HIS A 477 -12.43 1.32 -11.03
CA HIS A 477 -13.88 1.09 -11.17
C HIS A 477 -14.36 1.33 -12.60
N ARG A 478 -15.51 0.75 -12.96
CA ARG A 478 -16.08 0.95 -14.29
C ARG A 478 -17.50 1.55 -14.18
N TYR A 479 -18.06 1.61 -12.98
CA TYR A 479 -19.39 2.16 -12.76
C TYR A 479 -19.27 3.63 -12.41
N GLU A 480 -20.16 4.45 -12.94
CA GLU A 480 -20.16 5.91 -12.77
C GLU A 480 -21.53 6.40 -12.33
N VAL A 481 -21.60 7.63 -11.80
CA VAL A 481 -22.88 8.27 -11.51
C VAL A 481 -23.60 8.46 -12.86
N ASN A 482 -24.85 8.01 -12.94
CA ASN A 482 -25.66 8.18 -14.14
C ASN A 482 -26.15 9.63 -14.19
N ASN A 483 -25.64 10.42 -15.16
CA ASN A 483 -25.92 11.86 -15.32
C ASN A 483 -27.40 12.19 -15.52
N ALA A 484 -28.21 11.22 -16.02
CA ALA A 484 -29.67 11.39 -16.20
C ALA A 484 -30.36 11.62 -14.83
N TYR A 485 -29.70 11.23 -13.72
CA TYR A 485 -30.25 11.35 -12.37
C TYR A 485 -29.69 12.52 -11.52
N ARG A 486 -28.80 13.36 -12.08
CA ARG A 486 -28.17 14.46 -11.32
C ARG A 486 -29.20 15.40 -10.66
N ASP A 487 -30.19 15.92 -11.43
CA ASP A 487 -31.22 16.82 -10.91
C ASP A 487 -32.08 16.17 -9.82
N LYS A 488 -32.46 14.89 -10.01
CA LYS A 488 -33.28 14.17 -9.02
C LYS A 488 -32.48 13.92 -7.72
N ILE A 489 -31.20 13.48 -7.84
CA ILE A 489 -30.35 13.22 -6.68
C ILE A 489 -30.10 14.54 -5.91
N ALA A 490 -29.86 15.65 -6.62
CA ALA A 490 -29.59 16.97 -6.03
C ALA A 490 -30.76 17.47 -5.14
N GLU A 491 -31.98 16.87 -5.29
CA GLU A 491 -33.15 17.21 -4.46
C GLU A 491 -32.91 16.89 -2.99
N SER A 492 -31.95 15.98 -2.72
CA SER A 492 -31.54 15.59 -1.37
C SER A 492 -30.62 16.67 -0.74
N GLY A 493 -30.13 17.60 -1.56
CA GLY A 493 -29.17 18.62 -1.16
C GLY A 493 -27.75 18.17 -1.52
N LEU A 494 -27.57 16.92 -1.99
CA LEU A 494 -26.24 16.43 -2.39
C LEU A 494 -25.70 17.25 -3.58
N ARG A 495 -24.43 17.68 -3.49
CA ARG A 495 -23.74 18.49 -4.49
C ARG A 495 -22.75 17.64 -5.25
N PHE A 496 -22.63 17.87 -6.56
CA PHE A 496 -21.64 17.18 -7.41
C PHE A 496 -20.48 18.16 -7.45
N SER A 497 -19.71 18.17 -6.35
CA SER A 497 -18.68 19.19 -6.11
C SER A 497 -17.37 18.93 -6.81
N GLY A 498 -17.23 17.77 -7.44
CA GLY A 498 -16.03 17.44 -8.19
C GLY A 498 -16.40 16.63 -9.41
N THR A 499 -15.83 16.98 -10.56
CA THR A 499 -16.10 16.25 -11.81
C THR A 499 -14.83 16.06 -12.62
N SER A 500 -14.91 15.30 -13.71
CA SER A 500 -13.82 15.20 -14.68
C SER A 500 -13.64 16.62 -15.33
N PRO A 501 -12.48 16.96 -15.94
CA PRO A 501 -12.32 18.33 -16.49
C PRO A 501 -13.39 18.77 -17.49
N ASP A 502 -13.93 17.82 -18.30
CA ASP A 502 -14.98 18.13 -19.27
C ASP A 502 -16.40 18.17 -18.61
N GLY A 503 -16.47 17.83 -17.32
CA GLY A 503 -17.71 17.87 -16.55
C GLY A 503 -18.63 16.66 -16.68
N HIS A 504 -18.26 15.69 -17.54
CA HIS A 504 -19.08 14.50 -17.81
C HIS A 504 -19.16 13.51 -16.65
N LEU A 505 -18.02 13.20 -16.00
CA LEU A 505 -17.99 12.20 -14.93
C LEU A 505 -18.01 12.83 -13.55
N VAL A 506 -18.89 12.35 -12.66
CA VAL A 506 -18.95 12.83 -11.27
C VAL A 506 -17.75 12.21 -10.54
N GLU A 507 -16.90 13.03 -9.89
CA GLU A 507 -15.72 12.53 -9.17
C GLU A 507 -15.85 12.67 -7.67
N PHE A 508 -16.59 13.70 -7.21
CA PHE A 508 -16.78 13.96 -5.78
C PHE A 508 -18.20 14.38 -5.53
N VAL A 509 -18.71 14.01 -4.35
CA VAL A 509 -20.03 14.43 -3.88
C VAL A 509 -19.88 14.86 -2.44
N GLU A 510 -20.77 15.73 -1.97
CA GLU A 510 -20.78 16.20 -0.61
C GLU A 510 -22.12 16.80 -0.31
N TYR A 511 -22.47 16.87 0.97
CA TYR A 511 -23.67 17.58 1.38
C TYR A 511 -23.24 18.98 1.77
N PRO A 512 -24.13 20.01 1.73
CA PRO A 512 -23.71 21.34 2.21
C PRO A 512 -23.39 21.26 3.71
N PRO A 513 -22.40 22.01 4.23
CA PRO A 513 -22.09 21.94 5.66
C PRO A 513 -23.24 22.37 6.59
N ASP A 514 -24.25 23.11 6.07
CA ASP A 514 -25.39 23.54 6.88
C ASP A 514 -26.38 22.39 7.11
N ARG A 515 -26.28 21.32 6.30
CA ARG A 515 -27.14 20.13 6.37
C ARG A 515 -26.41 18.99 7.12
N HIS A 516 -25.14 18.72 6.76
CA HIS A 516 -24.29 17.73 7.39
C HIS A 516 -22.89 18.33 7.43
N PRO A 517 -22.22 18.43 8.61
CA PRO A 517 -20.88 19.05 8.64
C PRO A 517 -19.85 18.37 7.74
N PHE A 518 -19.91 17.04 7.60
CA PHE A 518 -18.98 16.32 6.72
C PHE A 518 -19.54 15.02 6.23
N VAL A 519 -20.07 15.02 5.01
CA VAL A 519 -20.52 13.82 4.30
C VAL A 519 -19.92 13.97 2.92
N VAL A 520 -18.81 13.25 2.65
CA VAL A 520 -18.11 13.38 1.39
C VAL A 520 -17.90 12.00 0.78
N GLY A 521 -18.07 11.93 -0.54
CA GLY A 521 -17.79 10.75 -1.36
C GLY A 521 -16.80 11.09 -2.46
N THR A 522 -15.97 10.12 -2.85
CA THR A 522 -15.03 10.25 -3.98
C THR A 522 -15.13 8.97 -4.81
N GLN A 523 -15.08 9.06 -6.16
CA GLN A 523 -15.07 7.86 -7.00
C GLN A 523 -13.70 7.16 -6.91
N ALA A 524 -12.68 7.88 -6.46
CA ALA A 524 -11.30 7.42 -6.39
C ALA A 524 -10.90 6.77 -5.03
N HIS A 525 -9.61 6.43 -4.92
CA HIS A 525 -8.99 5.86 -3.73
C HIS A 525 -7.90 6.80 -3.22
N PRO A 526 -8.28 7.91 -2.53
CA PRO A 526 -7.28 8.85 -2.02
C PRO A 526 -6.29 8.26 -1.02
N GLU A 527 -6.68 7.17 -0.33
CA GLU A 527 -5.84 6.45 0.65
C GLU A 527 -4.53 5.99 0.05
N LEU A 528 -4.55 5.71 -1.27
CA LEU A 528 -3.37 5.25 -2.00
C LEU A 528 -2.32 6.35 -2.10
N LYS A 529 -2.74 7.62 -2.08
CA LYS A 529 -1.79 8.73 -2.18
C LYS A 529 -1.44 9.26 -0.78
N SER A 530 -2.00 8.64 0.25
CA SER A 530 -1.65 8.99 1.61
C SER A 530 -0.27 8.41 1.99
N ARG A 531 0.47 9.16 2.84
CA ARG A 531 1.74 8.74 3.40
C ARG A 531 1.70 9.11 4.89
N PRO A 532 2.39 8.36 5.79
CA PRO A 532 2.37 8.75 7.21
C PRO A 532 3.00 10.13 7.44
N THR A 533 3.94 10.52 6.58
CA THR A 533 4.60 11.84 6.67
C THR A 533 3.88 12.89 5.81
N ARG A 534 2.85 12.48 5.01
CA ARG A 534 2.09 13.37 4.13
C ARG A 534 0.62 12.93 4.10
N PRO A 535 -0.14 13.21 5.18
CA PRO A 535 -1.54 12.74 5.22
C PRO A 535 -2.34 13.30 4.04
N HIS A 536 -3.33 12.56 3.57
CA HIS A 536 -4.13 13.00 2.43
C HIS A 536 -5.12 14.07 2.92
N PRO A 537 -5.29 15.21 2.21
CA PRO A 537 -6.23 16.26 2.66
C PRO A 537 -7.66 15.77 3.01
N LEU A 538 -8.23 14.78 2.28
CA LEU A 538 -9.58 14.31 2.60
C LEU A 538 -9.64 13.58 3.94
N PHE A 539 -8.61 12.75 4.25
CA PHE A 539 -8.56 12.04 5.53
C PHE A 539 -8.27 12.99 6.69
N VAL A 540 -7.49 14.06 6.45
CA VAL A 540 -7.24 15.10 7.47
C VAL A 540 -8.58 15.80 7.79
N ALA A 541 -9.35 16.18 6.75
CA ALA A 541 -10.65 16.88 6.95
C ALA A 541 -11.66 15.94 7.61
N PHE A 542 -11.66 14.65 7.22
CA PHE A 542 -12.57 13.63 7.77
C PHE A 542 -12.29 13.40 9.27
N VAL A 543 -11.02 13.11 9.63
CA VAL A 543 -10.62 12.91 11.04
C VAL A 543 -10.88 14.21 11.85
N GLY A 544 -10.59 15.39 11.26
CA GLY A 544 -10.88 16.67 11.90
C GLY A 544 -12.37 16.84 12.21
N ALA A 545 -13.24 16.38 11.30
CA ALA A 545 -14.70 16.41 11.49
C ALA A 545 -15.12 15.41 12.57
N ALA A 546 -14.38 14.29 12.68
CA ALA A 546 -14.64 13.25 13.69
C ALA A 546 -14.23 13.74 15.08
N ILE A 547 -13.13 14.50 15.17
CA ILE A 547 -12.68 15.14 16.42
C ILE A 547 -13.76 16.18 16.86
N ASP A 548 -14.31 16.94 15.88
CA ASP A 548 -15.37 17.94 16.11
C ASP A 548 -16.64 17.28 16.67
N TYR A 549 -17.06 16.16 16.05
CA TYR A 549 -18.23 15.40 16.49
C TYR A 549 -18.04 14.91 17.93
N LYS A 550 -16.86 14.33 18.26
CA LYS A 550 -16.53 13.84 19.61
C LYS A 550 -16.67 14.96 20.66
N ALA A 551 -16.08 16.15 20.38
CA ALA A 551 -16.11 17.34 21.26
C ALA A 551 -17.53 17.88 21.46
N GLY A 552 -18.39 17.74 20.44
CA GLY A 552 -19.77 18.21 20.51
C GLY A 552 -20.65 17.31 21.35
N GLU A 553 -20.26 16.02 21.46
CA GLU A 553 -20.95 14.96 22.18
C GLU A 553 -20.53 14.91 23.67
#